data_5W92
#
_entry.id   5W92
#
_cell.length_a   90.448
_cell.length_b   90.448
_cell.length_c   134.167
_cell.angle_alpha   90.000
_cell.angle_beta   90.000
_cell.angle_gamma   90.000
#
_symmetry.space_group_name_H-M   'I 4 2 2'
#
loop_
_entity.id
_entity.type
_entity.pdbx_description
1 polymer 'Polymerase acidic protein'
2 non-polymer 'MANGANESE (II) ION'
3 non-polymer 2-[(2S)-1-(3,5-dichloropyridine-4-carbonyl)pyrrolidin-2-yl]-5-hydroxy-6-oxo-N-[2-(phenylsulfonyl)ethyl]-1,6-dihydropyrimidine-4-carboxamide
4 non-polymer 1-[(3R,5S,7R)-1,5,7,9-tetrakis(2-oxopyrrolidin-1-yl)nonan-3-yl]-1,3-dihydro-2H-pyrrol-2-one
5 water water
#
_entity_poly.entity_id   1
_entity_poly.type   'polypeptide(L)'
_entity_poly.pdbx_seq_one_letter_code
;MGSSHHHHHHSSGLVPRGSHMEDFVRQCFNPMIVELAEKAMKEYGEDPKIETNKFAAICTHLEVCFMYSDGGSKHRFEII
EGRDRIMAWTVVNSICNTTGVEKPKFLPDLYDYKENRFIEIGVTRREVHIYYLEKANKIKSEKTHIHIFSFTGEEMATKA
DYTLDEESRARIKTRLFTIRQEMASRSLWDSFRQSER
;
_entity_poly.pdbx_strand_id   A
#
# COMPACT_ATOMS: atom_id res chain seq x y z
N ARG A 17 6.47 -10.44 -24.77
CA ARG A 17 5.29 -11.17 -24.28
C ARG A 17 4.35 -10.23 -23.50
N GLY A 18 3.28 -9.79 -24.16
CA GLY A 18 2.39 -8.79 -23.61
C GLY A 18 1.05 -9.36 -23.18
N SER A 19 0.77 -9.28 -21.88
CA SER A 19 -0.39 -9.88 -21.27
C SER A 19 -1.57 -8.93 -21.19
N HIS A 20 -2.76 -9.50 -21.00
CA HIS A 20 -3.96 -8.69 -20.75
C HIS A 20 -3.86 -7.98 -19.41
N MET A 21 -3.24 -8.62 -18.42
CA MET A 21 -3.15 -7.99 -17.11
C MET A 21 -2.32 -6.71 -17.18
N GLU A 22 -1.26 -6.72 -17.98
CA GLU A 22 -0.41 -5.53 -18.11
C GLU A 22 -1.17 -4.37 -18.72
N ASP A 23 -1.89 -4.61 -19.81
CA ASP A 23 -2.67 -3.53 -20.40
C ASP A 23 -3.79 -3.07 -19.47
N PHE A 24 -4.36 -3.98 -18.67
CA PHE A 24 -5.39 -3.55 -17.73
C PHE A 24 -4.81 -2.66 -16.63
N VAL A 25 -3.62 -3.01 -16.12
CA VAL A 25 -2.97 -2.18 -15.11
C VAL A 25 -2.78 -0.75 -15.63
N ARG A 26 -2.25 -0.61 -16.86
CA ARG A 26 -1.97 0.71 -17.39
C ARG A 26 -3.24 1.49 -17.69
N GLN A 27 -4.35 0.81 -17.94
CA GLN A 27 -5.62 1.50 -18.16
C GLN A 27 -6.38 1.74 -16.85
N CYS A 28 -6.08 0.98 -15.80
CA CYS A 28 -6.78 1.07 -14.51
C CYS A 28 -6.18 2.13 -13.58
N PHE A 29 -4.85 2.30 -13.57
CA PHE A 29 -4.21 3.17 -12.60
C PHE A 29 -3.64 4.38 -13.31
N ASN A 30 -3.43 5.45 -12.55
CA ASN A 30 -3.02 6.65 -13.25
C ASN A 30 -1.53 6.56 -13.61
N PRO A 31 -1.10 7.28 -14.65
CA PRO A 31 0.28 7.10 -15.15
C PRO A 31 1.37 7.33 -14.11
N MET A 32 1.14 8.20 -13.13
CA MET A 32 2.16 8.40 -12.11
C MET A 32 2.25 7.18 -11.19
N ILE A 33 1.11 6.56 -10.85
CA ILE A 33 1.16 5.31 -10.08
C ILE A 33 1.92 4.24 -10.86
N VAL A 34 1.55 4.07 -12.13
CA VAL A 34 2.17 3.07 -12.99
C VAL A 34 3.69 3.25 -13.01
N GLU A 35 4.14 4.46 -13.37
CA GLU A 35 5.57 4.73 -13.46
C GLU A 35 6.26 4.48 -12.13
N LEU A 36 5.62 4.83 -11.01
CA LEU A 36 6.21 4.58 -9.70
C LEU A 36 6.30 3.08 -9.42
N ALA A 37 5.26 2.32 -9.80
CA ALA A 37 5.32 0.88 -9.61
C ALA A 37 6.41 0.25 -10.47
N GLU A 38 6.56 0.73 -11.71
CA GLU A 38 7.59 0.21 -12.59
C GLU A 38 8.97 0.42 -12.00
N LYS A 39 9.24 1.64 -11.52
CA LYS A 39 10.54 1.94 -10.93
C LYS A 39 10.82 1.03 -9.74
N ALA A 40 9.80 0.72 -8.93
CA ALA A 40 10.05 -0.11 -7.75
C ALA A 40 10.35 -1.55 -8.14
N MET A 41 9.63 -2.09 -9.12
CA MET A 41 9.90 -3.45 -9.57
C MET A 41 11.26 -3.59 -10.25
N LYS A 42 11.67 -2.58 -11.03
CA LYS A 42 13.02 -2.64 -11.62
C LYS A 42 14.07 -2.67 -10.53
N GLU A 43 13.82 -2.00 -9.40
CA GLU A 43 14.79 -1.99 -8.30
C GLU A 43 14.92 -3.34 -7.62
N TYR A 44 13.81 -4.06 -7.43
CA TYR A 44 13.88 -5.41 -6.91
C TYR A 44 14.38 -6.42 -7.93
N GLY A 45 14.54 -6.02 -9.18
CA GLY A 45 14.96 -6.93 -10.22
C GLY A 45 13.80 -7.76 -10.73
N GLU A 46 12.66 -7.12 -10.94
CA GLU A 46 11.47 -7.79 -11.47
C GLU A 46 10.93 -7.00 -12.65
N ASP A 47 10.13 -7.69 -13.47
CA ASP A 47 9.69 -7.17 -14.77
C ASP A 47 8.17 -7.03 -14.80
N PRO A 48 7.65 -5.83 -15.01
CA PRO A 48 6.19 -5.66 -15.10
C PRO A 48 5.56 -6.42 -16.26
N LYS A 49 6.32 -6.76 -17.31
CA LYS A 49 5.76 -7.49 -18.44
C LYS A 49 5.55 -8.97 -18.13
N ILE A 50 6.16 -9.49 -17.08
CA ILE A 50 6.08 -10.91 -16.74
C ILE A 50 5.36 -11.13 -15.41
N GLU A 51 5.89 -10.57 -14.32
CA GLU A 51 5.24 -10.70 -13.01
C GLU A 51 4.10 -9.68 -12.93
N THR A 52 3.08 -9.91 -13.77
CA THR A 52 2.07 -8.88 -13.98
C THR A 52 1.10 -8.79 -12.82
N ASN A 53 0.88 -9.90 -12.13
CA ASN A 53 0.04 -9.85 -10.93
C ASN A 53 0.70 -9.01 -9.86
N LYS A 54 2.01 -9.16 -9.65
CA LYS A 54 2.70 -8.31 -8.69
C LYS A 54 2.68 -6.85 -9.14
N PHE A 55 2.83 -6.61 -10.44
CA PHE A 55 2.66 -5.26 -10.99
C PHE A 55 1.33 -4.65 -10.53
N ALA A 56 0.23 -5.41 -10.66
CA ALA A 56 -1.07 -4.86 -10.29
C ALA A 56 -1.16 -4.61 -8.80
N ALA A 57 -0.59 -5.51 -8.00
CA ALA A 57 -0.65 -5.37 -6.54
C ALA A 57 0.14 -4.15 -6.08
N ILE A 58 1.31 -3.92 -6.67
CA ILE A 58 2.13 -2.78 -6.26
C ILE A 58 1.42 -1.47 -6.57
N CYS A 59 0.81 -1.35 -7.76
CA CYS A 59 0.02 -0.16 -8.08
C CYS A 59 -1.08 0.04 -7.07
N THR A 60 -1.81 -1.04 -6.75
CA THR A 60 -2.93 -0.95 -5.81
C THR A 60 -2.46 -0.43 -4.47
N HIS A 61 -1.42 -1.07 -3.91
CA HIS A 61 -0.82 -0.61 -2.65
C HIS A 61 -0.45 0.86 -2.74
N LEU A 62 0.16 1.25 -3.85
CA LEU A 62 0.56 2.64 -4.03
C LEU A 62 -0.63 3.57 -3.97
N GLU A 63 -1.68 3.26 -4.75
CA GLU A 63 -2.84 4.14 -4.75
C GLU A 63 -3.48 4.20 -3.35
N VAL A 64 -3.54 3.06 -2.67
CA VAL A 64 -4.10 3.07 -1.31
C VAL A 64 -3.26 3.95 -0.40
N CYS A 65 -1.93 3.84 -0.49
CA CYS A 65 -1.07 4.71 0.31
C CYS A 65 -1.36 6.19 0.01
N PHE A 66 -1.63 6.52 -1.25
CA PHE A 66 -1.87 7.92 -1.56
C PHE A 66 -3.26 8.38 -1.10
N MET A 67 -4.28 7.52 -1.24
CA MET A 67 -5.61 7.90 -0.79
C MET A 67 -5.62 8.07 0.72
N TYR A 68 -4.94 7.19 1.42
CA TYR A 68 -4.79 7.28 2.87
C TYR A 68 -4.20 8.62 3.27
N SER A 69 -3.06 8.99 2.68
CA SER A 69 -2.40 10.24 3.05
C SER A 69 -3.25 11.46 2.75
N ASP A 70 -4.27 11.32 1.92
CA ASP A 70 -5.20 12.40 1.59
C ASP A 70 -6.41 12.42 2.51
N GLY A 71 -6.56 11.42 3.39
CA GLY A 71 -7.75 11.32 4.21
C GLY A 71 -7.79 12.24 5.41
N GLY A 72 -6.63 12.75 5.85
CA GLY A 72 -6.55 13.55 7.05
C GLY A 72 -6.53 15.04 6.75
N SER A 73 -6.05 15.80 7.73
CA SER A 73 -5.83 17.21 7.52
C SER A 73 -4.70 17.43 6.50
N LYS A 74 -4.46 18.70 6.17
CA LYS A 74 -3.57 19.13 5.09
C LYS A 74 -2.21 18.43 5.07
N HIS A 75 -1.40 18.68 6.08
CA HIS A 75 -0.07 18.09 6.08
C HIS A 75 0.08 17.10 7.23
N ARG A 76 -0.95 16.29 7.46
CA ARG A 76 -0.88 15.37 8.59
C ARG A 76 0.10 14.24 8.34
N PHE A 77 0.19 13.74 7.12
CA PHE A 77 1.01 12.55 6.87
C PHE A 77 2.26 12.90 6.06
N GLU A 78 3.36 12.23 6.38
CA GLU A 78 4.52 12.21 5.52
C GLU A 78 4.47 10.94 4.69
N ILE A 79 4.60 11.07 3.38
CA ILE A 79 4.56 9.95 2.46
C ILE A 79 5.98 9.42 2.30
N ILE A 80 6.20 8.17 2.71
CA ILE A 80 7.50 7.54 2.61
C ILE A 80 7.55 6.51 1.47
N GLU A 81 6.44 5.83 1.23
CA GLU A 81 6.31 4.93 0.09
C GLU A 81 6.33 5.76 -1.18
N GLY A 82 6.82 5.15 -2.27
CA GLY A 82 6.88 5.83 -3.55
C GLY A 82 8.14 6.62 -3.80
N ARG A 83 9.09 6.63 -2.87
CA ARG A 83 10.38 7.26 -3.05
C ARG A 83 11.44 6.20 -3.32
N ASP A 84 12.60 6.65 -3.81
CA ASP A 84 13.74 5.74 -3.87
C ASP A 84 14.23 5.42 -2.48
N ARG A 85 14.80 4.22 -2.33
CA ARG A 85 15.13 3.70 -1.01
C ARG A 85 15.96 4.69 -0.20
N ILE A 86 16.92 5.35 -0.85
CA ILE A 86 17.85 6.22 -0.11
C ILE A 86 17.12 7.44 0.44
N MET A 87 16.29 8.08 -0.39
CA MET A 87 15.57 9.26 0.09
C MET A 87 14.51 8.89 1.11
N ALA A 88 13.82 7.76 0.91
CA ALA A 88 12.84 7.35 1.90
C ALA A 88 13.49 7.16 3.26
N TRP A 89 14.67 6.55 3.28
CA TRP A 89 15.36 6.37 4.55
C TRP A 89 15.82 7.70 5.12
N THR A 90 16.22 8.65 4.25
CA THR A 90 16.66 9.95 4.75
C THR A 90 15.51 10.66 5.48
N VAL A 91 14.30 10.55 4.95
CA VAL A 91 13.16 11.20 5.59
C VAL A 91 12.79 10.48 6.86
N VAL A 92 13.09 9.18 6.95
CA VAL A 92 12.82 8.46 8.19
C VAL A 92 13.72 8.98 9.32
N ASN A 93 15.02 9.17 9.05
CA ASN A 93 15.89 9.65 10.13
C ASN A 93 15.49 11.04 10.59
N SER A 94 15.17 11.93 9.65
CA SER A 94 14.75 13.28 10.02
C SER A 94 13.53 13.23 10.91
N ILE A 95 12.53 12.43 10.53
CA ILE A 95 11.37 12.27 11.38
C ILE A 95 11.78 11.74 12.74
N CYS A 96 12.63 10.71 12.75
CA CYS A 96 13.07 10.12 14.01
C CYS A 96 13.83 11.14 14.85
N ASN A 97 14.79 11.84 14.24
CA ASN A 97 15.62 12.77 15.00
C ASN A 97 14.88 14.05 15.38
N THR A 98 13.66 14.24 14.88
CA THR A 98 12.82 15.38 15.22
C THR A 98 11.74 15.03 16.24
N THR A 99 11.19 13.82 16.16
CA THR A 99 10.10 13.39 17.03
C THR A 99 10.57 12.61 18.25
N GLY A 100 11.70 11.91 18.16
CA GLY A 100 12.11 10.99 19.18
C GLY A 100 11.62 9.56 18.99
N VAL A 101 10.88 9.29 17.91
CA VAL A 101 10.51 7.91 17.61
C VAL A 101 11.75 7.12 17.26
N GLU A 102 11.71 5.81 17.52
CA GLU A 102 12.82 4.94 17.18
C GLU A 102 12.75 4.50 15.73
N LYS A 103 13.92 4.27 15.15
CA LYS A 103 14.01 3.94 13.72
C LYS A 103 13.48 2.54 13.44
N PRO A 104 12.47 2.39 12.58
CA PRO A 104 12.01 1.04 12.23
C PRO A 104 13.10 0.26 11.52
N LYS A 105 13.02 -1.07 11.64
CA LYS A 105 13.97 -1.93 10.94
C LYS A 105 13.69 -1.92 9.44
N PHE A 106 12.42 -1.90 9.06
CA PHE A 106 11.98 -1.91 7.68
C PHE A 106 11.32 -0.59 7.35
N LEU A 107 11.40 -0.21 6.08
CA LEU A 107 10.81 1.05 5.61
C LEU A 107 9.30 1.02 5.77
N PRO A 108 8.71 1.96 6.49
CA PRO A 108 7.24 2.05 6.52
C PRO A 108 6.70 2.78 5.30
N ASP A 109 5.38 3.01 5.28
CA ASP A 109 4.71 3.64 4.15
C ASP A 109 4.36 5.09 4.38
N LEU A 110 4.08 5.48 5.64
CA LEU A 110 3.68 6.83 5.99
C LEU A 110 4.18 7.15 7.39
N TYR A 111 4.16 8.44 7.72
CA TYR A 111 4.32 8.88 9.09
C TYR A 111 3.15 9.78 9.45
N ASP A 112 2.54 9.53 10.61
CA ASP A 112 1.42 10.33 11.10
C ASP A 112 1.96 11.42 12.03
N TYR A 113 1.91 12.68 11.59
CA TYR A 113 2.38 13.75 12.46
C TYR A 113 1.44 13.99 13.64
N LYS A 114 0.15 13.70 13.45
CA LYS A 114 -0.82 13.95 14.52
C LYS A 114 -0.68 12.93 15.63
N GLU A 115 -0.63 11.64 15.29
CA GLU A 115 -0.49 10.59 16.29
C GLU A 115 0.96 10.21 16.56
N ASN A 116 1.90 10.74 15.77
CA ASN A 116 3.34 10.57 15.98
C ASN A 116 3.75 9.10 15.91
N ARG A 117 3.46 8.46 14.77
CA ARG A 117 3.84 7.06 14.56
C ARG A 117 3.94 6.74 13.07
N PHE A 118 4.79 5.77 12.75
CA PHE A 118 4.87 5.23 11.40
C PHE A 118 3.72 4.26 11.14
N ILE A 119 3.25 4.25 9.89
CA ILE A 119 2.14 3.39 9.48
C ILE A 119 2.64 2.44 8.40
N GLU A 120 2.41 1.13 8.59
CA GLU A 120 2.60 0.14 7.53
C GLU A 120 1.23 -0.20 6.95
N ILE A 121 1.02 0.15 5.68
CA ILE A 121 -0.23 -0.16 4.99
C ILE A 121 -0.09 -1.52 4.35
N GLY A 122 -1.14 -2.35 4.50
CA GLY A 122 -1.21 -3.64 3.84
C GLY A 122 -2.46 -3.76 2.99
N VAL A 123 -2.31 -4.39 1.83
CA VAL A 123 -3.43 -4.74 0.96
C VAL A 123 -3.26 -6.21 0.61
N THR A 124 -4.24 -7.02 1.01
CA THR A 124 -4.18 -8.46 0.80
C THR A 124 -5.47 -8.94 0.16
N ARG A 125 -5.37 -10.08 -0.52
CA ARG A 125 -6.52 -10.75 -1.08
C ARG A 125 -6.95 -11.96 -0.27
N ARG A 126 -6.18 -12.34 0.76
CA ARG A 126 -6.55 -13.42 1.66
C ARG A 126 -7.23 -12.83 2.91
N GLU A 127 -7.45 -13.66 3.93
CA GLU A 127 -8.14 -13.20 5.12
C GLU A 127 -7.28 -12.21 5.89
N VAL A 128 -7.93 -11.18 6.43
CA VAL A 128 -7.21 -10.04 6.99
C VAL A 128 -6.35 -10.46 8.17
N HIS A 129 -6.89 -11.38 9.00
CA HIS A 129 -6.19 -11.85 10.19
C HIS A 129 -4.85 -12.49 9.83
N ILE A 130 -4.85 -13.41 8.87
CA ILE A 130 -3.61 -14.09 8.47
C ILE A 130 -2.56 -13.06 8.07
N TYR A 131 -2.93 -12.11 7.21
CA TYR A 131 -1.93 -11.17 6.70
C TYR A 131 -1.41 -10.25 7.81
N TYR A 132 -2.30 -9.80 8.69
CA TYR A 132 -1.83 -8.93 9.78
C TYR A 132 -0.71 -9.59 10.55
N LEU A 133 -0.90 -10.86 10.94
CA LEU A 133 0.09 -11.59 11.73
C LEU A 133 1.45 -11.64 11.02
N GLU A 134 1.45 -12.05 9.76
CA GLU A 134 2.71 -12.11 9.02
C GLU A 134 3.39 -10.75 8.97
N LYS A 135 2.63 -9.68 8.79
CA LYS A 135 3.24 -8.35 8.68
C LYS A 135 3.81 -7.88 10.02
N ALA A 136 3.23 -8.33 11.13
CA ALA A 136 3.76 -7.92 12.43
C ALA A 136 5.18 -8.44 12.63
N ASN A 137 5.41 -9.73 12.34
CA ASN A 137 6.72 -10.32 12.57
C ASN A 137 7.78 -9.76 11.65
N LYS A 138 7.40 -9.28 10.46
CA LYS A 138 8.37 -8.72 9.52
C LYS A 138 8.68 -7.27 9.88
N SER A 141 9.21 -4.99 14.15
CA SER A 141 8.89 -3.57 14.29
C SER A 141 7.70 -3.35 15.23
N GLU A 142 8.00 -3.23 16.54
CA GLU A 142 6.92 -3.17 17.54
C GLU A 142 6.17 -1.84 17.50
N LYS A 143 6.86 -0.74 17.21
CA LYS A 143 6.27 0.59 17.37
C LYS A 143 5.47 1.05 16.17
N THR A 144 5.72 0.49 14.99
CA THR A 144 5.07 0.92 13.76
C THR A 144 3.60 0.50 13.74
N HIS A 145 2.71 1.45 13.53
CA HIS A 145 1.28 1.15 13.42
C HIS A 145 0.99 0.42 12.10
N ILE A 146 0.10 -0.56 12.17
CA ILE A 146 -0.21 -1.42 11.03
C ILE A 146 -1.69 -1.23 10.68
N HIS A 147 -1.97 -1.11 9.39
CA HIS A 147 -3.34 -0.99 8.88
C HIS A 147 -3.44 -1.81 7.59
N ILE A 148 -4.32 -2.81 7.58
CA ILE A 148 -4.51 -3.72 6.46
C ILE A 148 -5.90 -3.47 5.87
N PHE A 149 -5.97 -3.41 4.55
CA PHE A 149 -7.22 -3.38 3.81
C PHE A 149 -7.34 -4.64 2.98
N SER A 150 -8.55 -5.15 2.87
CA SER A 150 -8.86 -6.29 2.02
C SER A 150 -9.54 -5.86 0.74
N PHE A 151 -9.44 -6.71 -0.28
CA PHE A 151 -10.21 -6.55 -1.51
C PHE A 151 -11.68 -6.91 -1.31
N THR A 152 -12.05 -7.45 -0.17
CA THR A 152 -13.46 -7.74 0.08
C THR A 152 -14.14 -6.66 0.89
N GLY A 153 -13.38 -5.75 1.48
CA GLY A 153 -13.95 -4.69 2.29
C GLY A 153 -13.62 -4.77 3.77
N GLU A 154 -12.80 -5.70 4.19
CA GLU A 154 -12.42 -5.80 5.58
C GLU A 154 -11.19 -4.94 5.86
N GLU A 155 -11.04 -4.57 7.13
CA GLU A 155 -9.83 -3.87 7.55
C GLU A 155 -9.51 -4.30 8.97
N MET A 156 -8.24 -4.17 9.35
CA MET A 156 -7.81 -4.42 10.72
C MET A 156 -6.62 -3.51 10.98
N ALA A 157 -6.66 -2.77 12.08
CA ALA A 157 -5.55 -1.90 12.45
C ALA A 157 -5.07 -2.21 13.86
N THR A 158 -3.83 -1.83 14.12
CA THR A 158 -3.21 -2.06 15.43
C THR A 158 -4.03 -1.42 16.53
N LYS A 159 -4.23 -2.18 17.61
CA LYS A 159 -5.00 -1.77 18.80
C LYS A 159 -6.39 -1.24 18.44
N ALA A 160 -6.89 -1.62 17.27
CA ALA A 160 -8.21 -1.22 16.77
C ALA A 160 -8.30 0.27 16.51
N ASP A 161 -7.17 0.92 16.29
CA ASP A 161 -7.11 2.36 16.03
C ASP A 161 -6.92 2.54 14.53
N TYR A 162 -7.98 3.00 13.86
CA TYR A 162 -8.02 3.04 12.41
C TYR A 162 -7.58 4.38 11.83
N THR A 163 -7.07 5.30 12.68
CA THR A 163 -6.41 6.54 12.28
C THR A 163 -7.36 7.52 11.59
N LEU A 164 -7.81 7.18 10.39
CA LEU A 164 -8.72 8.03 9.65
C LEU A 164 -10.15 7.79 10.08
N ASP A 165 -11.00 8.77 9.76
CA ASP A 165 -12.43 8.63 10.00
C ASP A 165 -13.02 7.60 9.04
N GLU A 166 -14.28 7.26 9.29
CA GLU A 166 -14.93 6.16 8.57
C GLU A 166 -15.05 6.46 7.07
N GLU A 167 -15.36 7.70 6.70
CA GLU A 167 -15.60 8.01 5.29
C GLU A 167 -14.32 7.86 4.47
N SER A 168 -13.16 8.23 5.02
CA SER A 168 -11.93 8.09 4.24
C SER A 168 -11.57 6.62 4.05
N ARG A 169 -11.77 5.82 5.09
CA ARG A 169 -11.51 4.40 4.94
C ARG A 169 -12.51 3.77 4.00
N ALA A 170 -13.79 4.17 4.10
CA ALA A 170 -14.81 3.63 3.21
C ALA A 170 -14.47 3.87 1.75
N ARG A 171 -13.96 5.05 1.42
CA ARG A 171 -13.66 5.31 0.01
C ARG A 171 -12.51 4.44 -0.48
N ILE A 172 -11.54 4.16 0.38
CA ILE A 172 -10.49 3.20 0.01
C ILE A 172 -11.10 1.83 -0.26
N LYS A 173 -12.05 1.41 0.57
CA LYS A 173 -12.58 0.05 0.40
C LYS A 173 -13.42 -0.05 -0.86
N THR A 174 -14.19 0.99 -1.16
CA THR A 174 -14.94 1.06 -2.41
C THR A 174 -14.00 0.93 -3.61
N ARG A 175 -12.92 1.69 -3.61
CA ARG A 175 -12.01 1.64 -4.73
C ARG A 175 -11.41 0.24 -4.87
N LEU A 176 -11.04 -0.38 -3.76
CA LEU A 176 -10.54 -1.75 -3.83
C LEU A 176 -11.56 -2.71 -4.42
N PHE A 177 -12.84 -2.58 -4.05
CA PHE A 177 -13.81 -3.53 -4.60
C PHE A 177 -14.06 -3.28 -6.07
N THR A 178 -13.86 -2.04 -6.52
CA THR A 178 -14.01 -1.74 -7.94
C THR A 178 -12.88 -2.32 -8.76
N ILE A 179 -11.65 -2.22 -8.27
CA ILE A 179 -10.54 -2.91 -8.92
C ILE A 179 -10.86 -4.39 -9.04
N ARG A 180 -11.44 -4.98 -7.98
CA ARG A 180 -11.76 -6.39 -8.04
C ARG A 180 -12.76 -6.69 -9.14
N GLN A 181 -13.83 -5.90 -9.24
CA GLN A 181 -14.82 -6.14 -10.29
C GLN A 181 -14.21 -5.98 -11.67
N GLU A 182 -13.36 -4.97 -11.87
CA GLU A 182 -12.80 -4.73 -13.19
C GLU A 182 -11.94 -5.89 -13.65
N MET A 183 -11.27 -6.56 -12.71
CA MET A 183 -10.50 -7.75 -13.07
C MET A 183 -11.42 -8.91 -13.40
N ALA A 184 -12.45 -9.13 -12.57
CA ALA A 184 -13.34 -10.27 -12.79
C ALA A 184 -14.08 -10.12 -14.10
N SER A 185 -14.49 -8.90 -14.45
CA SER A 185 -15.13 -8.67 -15.74
C SER A 185 -14.22 -9.05 -16.89
N ARG A 186 -12.92 -8.94 -16.70
CA ARG A 186 -11.96 -9.33 -17.70
C ARG A 186 -11.41 -10.74 -17.46
N SER A 187 -11.87 -11.42 -16.41
CA SER A 187 -11.46 -12.78 -16.07
C SER A 187 -9.99 -12.86 -15.70
N LEU A 188 -9.48 -11.84 -15.02
CA LEU A 188 -8.16 -11.84 -14.42
C LEU A 188 -8.17 -11.93 -12.90
N TRP A 189 -9.35 -11.92 -12.27
CA TRP A 189 -9.38 -11.89 -10.81
C TRP A 189 -8.83 -13.19 -10.21
N ASP A 190 -9.33 -14.34 -10.66
CA ASP A 190 -8.97 -15.60 -10.00
C ASP A 190 -7.48 -15.88 -10.11
N SER A 191 -6.89 -15.61 -11.28
CA SER A 191 -5.43 -15.66 -11.39
C SER A 191 -4.77 -14.67 -10.43
N PHE A 192 -5.38 -13.50 -10.25
CA PHE A 192 -4.78 -12.52 -9.34
C PHE A 192 -4.95 -12.94 -7.88
N ARG A 193 -6.09 -13.54 -7.54
CA ARG A 193 -6.33 -13.92 -6.15
C ARG A 193 -5.46 -15.09 -5.72
N GLN A 194 -5.30 -16.09 -6.59
CA GLN A 194 -4.48 -17.25 -6.26
C GLN A 194 -2.98 -16.99 -6.42
N SER A 195 -2.59 -15.78 -6.86
CA SER A 195 -1.17 -15.45 -6.99
C SER A 195 -0.53 -15.10 -5.65
N GLU A 196 -1.26 -14.41 -4.78
CA GLU A 196 -0.76 -14.13 -3.43
C GLU A 196 -0.73 -15.38 -2.58
#